data_6LY6
#
_entry.id   6LY6
#
_cell.length_a   105.723
_cell.length_b   105.723
_cell.length_c   71.597
_cell.angle_alpha   90.000
_cell.angle_beta   90.000
_cell.angle_gamma   120.000
#
_symmetry.space_group_name_H-M   'P 64'
#
loop_
_entity.id
_entity.type
_entity.pdbx_description
1 polymer 'Pyrrolysine--tRNA ligase'
2 non-polymer 'PHOSPHOAMINOPHOSPHONIC ACID-ADENYLATE ESTER'
3 non-polymer 'MAGNESIUM ION'
4 non-polymer NAPHTHALEN-2-YL-3-ALANINE
5 water water
#
_entity_poly.entity_id   1
_entity_poly.type   'polypeptide(L)'
_entity_poly.pdbx_seq_one_letter_code
;MHHHHHHASAPALTKSQTDRLEVLLNPKDEISLNSGKPFRELESELLSRRKKDLQQIYAEERENYLGKLEREITRFFVDR
GFLEIKSPILIPLEYIERMGIDNDTELSKQIFRVDKNFCLRPMLAPNLYNYLRKLDRALPDPIKIFEIGPCYRKESDGKE
HLEEFTMLGFQQMGSGCTRENLESIITDFLNHLGIDFKIVGDSCMVYGDTLDVMHGDLELSSAGVGPIPLDREWGIDKPW
IGAGFGLERLLKVKHDFKNIKRAARSESYYNGISTNL
;
_entity_poly.pdbx_strand_id   A
#
# COMPACT_ATOMS: atom_id res chain seq x y z
N ALA A 12 8.20 -37.39 12.25
CA ALA A 12 8.21 -35.94 12.51
C ALA A 12 8.74 -35.16 11.28
N LEU A 13 8.12 -34.02 10.98
CA LEU A 13 8.55 -33.23 9.84
C LEU A 13 9.74 -32.36 10.24
N THR A 14 10.62 -32.12 9.29
CA THR A 14 11.74 -31.20 9.50
C THR A 14 11.26 -29.75 9.38
N LYS A 15 12.09 -28.84 9.86
CA LYS A 15 11.77 -27.44 9.77
C LYS A 15 11.68 -27.09 8.28
N SER A 16 12.56 -27.66 7.46
CA SER A 16 12.57 -27.37 6.04
C SER A 16 11.29 -27.87 5.38
N GLN A 17 10.88 -29.09 5.74
CA GLN A 17 9.64 -29.64 5.20
C GLN A 17 8.42 -28.82 5.61
N THR A 18 8.41 -28.31 6.85
CA THR A 18 7.28 -27.49 7.24
C THR A 18 7.33 -26.13 6.55
N ASP A 19 8.54 -25.57 6.36
CA ASP A 19 8.66 -24.35 5.54
C ASP A 19 7.99 -24.56 4.19
N ARG A 20 8.29 -25.69 3.55
CA ARG A 20 7.73 -25.98 2.24
C ARG A 20 6.21 -26.11 2.31
N LEU A 21 5.71 -26.78 3.34
CA LEU A 21 4.26 -26.93 3.51
C LEU A 21 3.56 -25.60 3.77
N GLU A 22 4.23 -24.70 4.49
CA GLU A 22 3.54 -23.44 4.76
C GLU A 22 3.49 -22.47 3.57
N VAL A 23 4.41 -22.58 2.61
CA VAL A 23 4.33 -21.83 1.39
C VAL A 23 3.07 -22.25 0.64
N LEU A 24 2.76 -23.53 0.71
CA LEU A 24 1.62 -24.11 0.00
C LEU A 24 0.31 -23.92 0.73
N LEU A 25 0.34 -23.46 1.97
CA LEU A 25 -0.85 -23.38 2.79
C LEU A 25 -1.54 -22.02 2.65
N ASN A 26 -2.92 -22.05 2.42
CA ASN A 26 -3.72 -20.84 2.33
C ASN A 26 -4.45 -20.59 3.65
N PRO A 27 -4.63 -19.33 4.03
CA PRO A 27 -5.25 -19.05 5.34
C PRO A 27 -6.53 -19.84 5.61
N LYS A 28 -7.37 -20.04 4.58
CA LYS A 28 -8.62 -20.79 4.71
C LYS A 28 -8.40 -22.30 4.83
N ASP A 29 -7.18 -22.79 4.69
CA ASP A 29 -6.95 -24.23 4.68
C ASP A 29 -7.24 -24.82 6.07
N GLU A 30 -7.95 -25.94 6.08
CA GLU A 30 -8.28 -26.64 7.33
C GLU A 30 -7.31 -27.79 7.60
N ILE A 31 -6.04 -27.61 7.32
CA ILE A 31 -5.17 -28.74 7.42
C ILE A 31 -4.24 -28.61 8.58
N SER A 32 -4.12 -29.70 9.32
CA SER A 32 -3.19 -29.73 10.41
C SER A 32 -1.91 -30.44 9.94
N LEU A 33 -0.82 -29.70 9.94
CA LEU A 33 0.50 -30.22 9.60
C LEU A 33 0.94 -31.18 10.67
N ASN A 34 0.61 -30.83 11.92
CA ASN A 34 0.96 -31.57 13.12
C ASN A 34 0.41 -32.98 13.20
N SER A 35 -0.70 -33.26 12.53
CA SER A 35 -1.26 -34.61 12.52
C SER A 35 -0.21 -35.45 11.87
N GLY A 36 -0.05 -36.67 12.35
CA GLY A 36 1.05 -37.46 11.86
C GLY A 36 1.00 -38.09 10.51
N LYS A 37 0.78 -37.26 9.52
CA LYS A 37 0.89 -37.82 8.17
C LYS A 37 2.16 -37.31 7.47
N PRO A 38 2.60 -38.14 6.54
CA PRO A 38 3.95 -37.96 5.97
C PRO A 38 4.04 -36.73 5.08
N PHE A 39 5.22 -36.08 5.10
CA PHE A 39 5.46 -34.90 4.27
C PHE A 39 5.01 -35.11 2.84
N ARG A 40 5.46 -36.19 2.22
CA ARG A 40 5.23 -36.39 0.79
C ARG A 40 3.74 -36.39 0.45
N GLU A 41 2.88 -36.77 1.38
CA GLU A 41 1.44 -36.86 1.20
C GLU A 41 0.71 -35.58 1.54
N LEU A 42 1.12 -34.96 2.65
CA LEU A 42 0.66 -33.60 2.94
C LEU A 42 0.97 -32.65 1.79
N GLU A 43 2.18 -32.76 1.23
CA GLU A 43 2.58 -31.91 0.12
C GLU A 43 1.77 -32.22 -1.12
N SER A 44 1.46 -33.49 -1.34
CA SER A 44 0.67 -33.81 -2.53
C SER A 44 -0.77 -33.31 -2.39
N GLU A 45 -1.33 -33.30 -1.18
CA GLU A 45 -2.68 -32.74 -0.96
C GLU A 45 -2.68 -31.25 -1.24
N LEU A 46 -1.74 -30.53 -0.63
CA LEU A 46 -1.71 -29.08 -0.77
C LEU A 46 -1.40 -28.66 -2.20
N LEU A 47 -0.41 -29.30 -2.85
CA LEU A 47 -0.19 -29.06 -4.27
C LEU A 47 -1.47 -29.18 -5.08
N SER A 48 -2.32 -30.16 -4.76
CA SER A 48 -3.54 -30.34 -5.54
C SER A 48 -4.53 -29.21 -5.28
N ARG A 49 -4.65 -28.76 -4.03
CA ARG A 49 -5.55 -27.66 -3.73
C ARG A 49 -5.10 -26.37 -4.42
N ARG A 50 -3.78 -26.10 -4.39
CA ARG A 50 -3.26 -24.86 -4.95
C ARG A 50 -3.38 -24.82 -6.46
N LYS A 51 -3.28 -25.97 -7.13
CA LYS A 51 -3.51 -26.00 -8.57
C LYS A 51 -4.97 -25.73 -8.89
N LYS A 52 -5.89 -26.22 -8.05
CA LYS A 52 -7.31 -25.99 -8.32
C LYS A 52 -7.67 -24.53 -8.08
N ASP A 53 -7.09 -23.90 -7.05
CA ASP A 53 -7.29 -22.47 -6.82
C ASP A 53 -6.89 -21.66 -8.06
N LEU A 54 -5.72 -21.98 -8.66
CA LEU A 54 -5.31 -21.29 -9.86
C LEU A 54 -6.24 -21.60 -11.01
N GLN A 55 -6.67 -22.87 -11.13
CA GLN A 55 -7.58 -23.23 -12.22
C GLN A 55 -8.88 -22.45 -12.13
N GLN A 56 -9.41 -22.27 -10.91
CA GLN A 56 -10.66 -21.54 -10.72
C GLN A 56 -10.50 -20.07 -11.10
N ILE A 57 -9.42 -19.43 -10.61
CA ILE A 57 -9.14 -18.06 -11.02
C ILE A 57 -9.05 -17.96 -12.54
N TYR A 58 -8.28 -18.86 -13.16
CA TYR A 58 -8.13 -18.80 -14.61
C TYR A 58 -9.46 -19.03 -15.35
N ALA A 59 -10.36 -19.84 -14.78
CA ALA A 59 -11.60 -20.12 -15.46
C ALA A 59 -12.64 -19.03 -15.26
N GLU A 60 -12.63 -18.36 -14.12
CA GLU A 60 -13.76 -17.55 -13.71
C GLU A 60 -13.49 -16.05 -13.73
N GLU A 61 -12.43 -15.55 -13.10
CA GLU A 61 -12.29 -14.11 -12.96
C GLU A 61 -11.04 -13.53 -13.61
N ARG A 62 -9.88 -14.13 -13.39
CA ARG A 62 -8.63 -13.81 -14.07
C ARG A 62 -8.04 -12.45 -13.67
N GLU A 63 -8.55 -11.79 -12.64
CA GLU A 63 -8.03 -10.51 -12.19
C GLU A 63 -7.02 -10.67 -11.06
N ASN A 64 -5.98 -9.85 -11.10
CA ASN A 64 -4.92 -9.82 -10.09
C ASN A 64 -5.37 -9.00 -8.87
N TYR A 65 -5.00 -9.41 -7.66
CA TYR A 65 -5.49 -8.71 -6.47
C TYR A 65 -5.06 -7.26 -6.47
N LEU A 66 -3.77 -7.02 -6.74
CA LEU A 66 -3.23 -5.66 -6.68
C LEU A 66 -3.89 -4.77 -7.72
N GLY A 67 -4.01 -5.25 -8.95
CA GLY A 67 -4.66 -4.47 -9.97
C GLY A 67 -6.12 -4.20 -9.66
N LYS A 68 -6.83 -5.20 -9.18
CA LYS A 68 -8.23 -5.07 -8.84
C LYS A 68 -8.45 -4.11 -7.68
N LEU A 69 -7.60 -4.18 -6.68
CA LEU A 69 -7.72 -3.24 -5.56
C LEU A 69 -7.45 -1.81 -6.02
N GLU A 70 -6.44 -1.63 -6.86
CA GLU A 70 -6.21 -0.32 -7.43
C GLU A 70 -7.45 0.19 -8.18
N ARG A 71 -8.10 -0.67 -8.96
CA ARG A 71 -9.27 -0.19 -9.69
C ARG A 71 -10.43 0.12 -8.75
N GLU A 72 -10.60 -0.68 -7.70
CA GLU A 72 -11.66 -0.38 -6.75
C GLU A 72 -11.40 0.92 -6.00
N ILE A 73 -10.16 1.13 -5.53
CA ILE A 73 -9.84 2.39 -4.85
C ILE A 73 -10.02 3.57 -5.81
N THR A 74 -9.71 3.38 -7.09
CA THR A 74 -9.84 4.45 -8.07
C THR A 74 -11.29 4.89 -8.23
N ARG A 75 -12.21 3.93 -8.37
CA ARG A 75 -13.62 4.26 -8.51
C ARG A 75 -14.11 4.99 -7.29
N PHE A 76 -13.68 4.53 -6.12
CA PHE A 76 -14.12 5.14 -4.87
C PHE A 76 -13.77 6.61 -4.84
N PHE A 77 -12.50 6.94 -5.11
CA PHE A 77 -12.04 8.32 -4.99
C PHE A 77 -12.54 9.17 -6.14
N VAL A 78 -12.60 8.62 -7.37
CA VAL A 78 -13.20 9.37 -8.47
C VAL A 78 -14.63 9.75 -8.11
N ASP A 79 -15.42 8.78 -7.61
CA ASP A 79 -16.83 9.01 -7.29
C ASP A 79 -16.99 10.11 -6.25
N ARG A 80 -16.04 10.24 -5.33
CA ARG A 80 -16.12 11.25 -4.30
C ARG A 80 -15.46 12.58 -4.71
N GLY A 81 -15.11 12.76 -5.98
CA GLY A 81 -14.65 14.03 -6.50
C GLY A 81 -13.14 14.24 -6.54
N PHE A 82 -12.32 13.20 -6.41
CA PHE A 82 -10.87 13.38 -6.48
C PHE A 82 -10.39 13.11 -7.91
N LEU A 83 -9.52 14.01 -8.41
CA LEU A 83 -8.91 13.85 -9.72
C LEU A 83 -7.84 12.76 -9.68
N GLU A 84 -7.87 11.82 -10.63
CA GLU A 84 -6.91 10.72 -10.66
C GLU A 84 -5.59 11.18 -11.29
N ILE A 85 -4.48 11.07 -10.55
CA ILE A 85 -3.15 11.49 -10.97
C ILE A 85 -2.31 10.25 -11.24
N LYS A 86 -1.48 10.33 -12.27
CA LYS A 86 -0.41 9.36 -12.50
C LYS A 86 0.83 10.17 -12.77
N SER A 87 1.76 10.16 -11.85
CA SER A 87 2.91 11.06 -11.96
C SER A 87 4.19 10.22 -11.99
N PRO A 88 5.37 10.80 -12.27
CA PRO A 88 6.55 9.96 -12.47
C PRO A 88 6.90 9.14 -11.23
N ILE A 89 7.36 7.92 -11.46
CA ILE A 89 7.90 7.10 -10.38
C ILE A 89 9.36 7.43 -10.12
N LEU A 90 10.11 7.70 -11.18
CA LEU A 90 11.51 8.12 -11.10
C LEU A 90 11.55 9.65 -10.96
N ILE A 91 11.99 10.13 -9.81
CA ILE A 91 11.85 11.55 -9.44
C ILE A 91 13.22 12.14 -9.21
N PRO A 92 13.35 13.47 -9.31
CA PRO A 92 14.62 14.14 -8.98
C PRO A 92 14.96 13.97 -7.52
N LEU A 93 16.22 13.59 -7.25
CA LEU A 93 16.64 13.35 -5.87
C LEU A 93 16.46 14.60 -5.00
N GLU A 94 16.36 15.75 -5.64
CA GLU A 94 16.25 16.92 -4.80
C GLU A 94 14.86 17.00 -4.17
N TYR A 95 13.84 16.36 -4.72
CA TYR A 95 12.53 16.33 -4.06
C TYR A 95 12.62 15.75 -2.66
N ILE A 96 13.59 14.87 -2.42
CA ILE A 96 13.73 14.23 -1.11
C ILE A 96 14.23 15.24 -0.07
N GLU A 97 15.32 15.95 -0.37
CA GLU A 97 15.79 17.00 0.53
C GLU A 97 14.72 18.06 0.73
N ARG A 98 14.02 18.44 -0.33
CA ARG A 98 12.98 19.44 -0.16
C ARG A 98 11.81 18.95 0.70
N MET A 99 11.67 17.64 0.91
CA MET A 99 10.64 17.13 1.82
C MET A 99 11.06 17.19 3.28
N GLY A 100 12.20 17.83 3.57
CA GLY A 100 12.77 17.82 4.91
C GLY A 100 13.49 16.56 5.29
N ILE A 101 13.85 15.72 4.32
CA ILE A 101 14.60 14.53 4.63
C ILE A 101 16.04 14.81 4.26
N ASP A 102 16.87 15.15 5.24
CA ASP A 102 18.27 15.46 4.94
C ASP A 102 19.28 14.78 5.84
N ASN A 103 19.39 13.46 5.72
CA ASN A 103 20.37 12.67 6.45
C ASN A 103 20.18 12.56 7.96
N ASP A 104 18.99 12.92 8.44
CA ASP A 104 18.69 12.86 9.86
C ASP A 104 17.56 11.86 10.12
N THR A 105 16.64 11.81 9.16
CA THR A 105 15.50 10.91 9.22
C THR A 105 15.92 9.51 8.82
N GLU A 106 15.11 8.53 9.20
CA GLU A 106 15.35 7.14 8.86
C GLU A 106 15.28 6.94 7.35
N LEU A 107 14.35 7.64 6.73
CA LEU A 107 14.07 7.53 5.30
C LEU A 107 15.22 7.90 4.36
N SER A 108 16.12 8.75 4.81
CA SER A 108 17.22 9.18 3.97
C SER A 108 18.06 8.01 3.50
N LYS A 109 18.23 7.00 4.34
CA LYS A 109 19.00 5.87 3.95
C LYS A 109 18.26 4.77 3.25
N GLN A 110 16.96 4.96 3.09
CA GLN A 110 16.07 4.02 2.42
C GLN A 110 15.88 4.33 0.94
N ILE A 111 16.56 5.35 0.43
CA ILE A 111 16.30 5.81 -0.92
C ILE A 111 17.05 4.93 -1.90
N PHE A 112 16.34 4.40 -2.89
CA PHE A 112 16.98 3.77 -4.05
C PHE A 112 17.42 4.88 -5.00
N ARG A 113 18.73 5.12 -5.09
CA ARG A 113 19.26 6.11 -6.00
C ARG A 113 19.50 5.48 -7.37
N VAL A 114 19.28 6.24 -8.45
CA VAL A 114 19.33 5.71 -9.81
C VAL A 114 20.47 6.31 -10.63
N ASP A 115 20.49 7.63 -10.78
CA ASP A 115 21.69 8.16 -11.39
C ASP A 115 22.41 9.05 -10.40
N LYS A 116 23.00 10.14 -10.89
CA LYS A 116 23.53 11.13 -9.97
C LYS A 116 22.41 11.95 -9.35
N ASN A 117 21.32 12.16 -10.10
CA ASN A 117 20.31 13.15 -9.75
C ASN A 117 18.90 12.58 -9.60
N PHE A 118 18.73 11.27 -9.65
CA PHE A 118 17.37 10.73 -9.62
C PHE A 118 17.25 9.65 -8.56
N CYS A 119 16.02 9.36 -8.21
CA CYS A 119 15.78 8.21 -7.36
C CYS A 119 14.43 7.60 -7.68
N LEU A 120 14.20 6.43 -7.11
CA LEU A 120 12.88 5.81 -7.10
C LEU A 120 12.10 6.43 -5.96
N ARG A 121 10.90 6.93 -6.25
CA ARG A 121 10.17 7.70 -5.25
C ARG A 121 9.86 6.80 -4.07
N PRO A 122 10.09 7.25 -2.83
CA PRO A 122 9.66 6.48 -1.66
C PRO A 122 8.31 6.92 -1.11
N MET A 123 7.67 7.90 -1.74
CA MET A 123 6.51 8.60 -1.19
C MET A 123 5.83 9.33 -2.33
N LEU A 124 4.54 9.63 -2.15
CA LEU A 124 3.79 10.41 -3.14
C LEU A 124 3.74 11.90 -2.83
N ALA A 125 4.14 12.34 -1.64
CA ALA A 125 3.93 13.73 -1.24
C ALA A 125 4.55 14.75 -2.19
N PRO A 126 5.80 14.59 -2.67
CA PRO A 126 6.34 15.63 -3.56
C PRO A 126 5.50 15.87 -4.80
N ASN A 127 5.09 14.81 -5.49
CA ASN A 127 4.34 14.97 -6.74
C ASN A 127 2.94 15.51 -6.47
N LEU A 128 2.31 15.08 -5.39
CA LEU A 128 1.00 15.62 -5.03
C LEU A 128 1.10 17.10 -4.69
N TYR A 129 2.09 17.49 -3.89
CA TYR A 129 2.38 18.91 -3.69
C TYR A 129 2.43 19.67 -5.00
N ASN A 130 3.21 19.16 -5.97
CA ASN A 130 3.41 19.91 -7.21
C ASN A 130 2.09 20.03 -7.96
N TYR A 131 1.27 18.98 -7.91
CA TYR A 131 0.00 19.01 -8.61
C TYR A 131 -0.96 19.98 -7.93
N LEU A 132 -0.94 20.02 -6.59
CA LEU A 132 -1.82 20.95 -5.87
C LEU A 132 -1.49 22.40 -6.25
N ARG A 133 -0.21 22.76 -6.22
CA ARG A 133 0.20 24.12 -6.57
C ARG A 133 -0.22 24.49 -7.99
N LYS A 134 0.05 23.60 -8.94
CA LYS A 134 -0.30 23.84 -10.33
C LYS A 134 -1.80 23.89 -10.64
N LEU A 135 -2.56 22.98 -10.06
CA LEU A 135 -4.00 22.92 -10.33
C LEU A 135 -4.75 24.02 -9.63
N ASP A 136 -4.15 24.67 -8.63
CA ASP A 136 -4.82 25.76 -7.92
C ASP A 136 -4.98 27.01 -8.77
N ARG A 137 -4.20 27.12 -9.84
CA ARG A 137 -4.48 28.18 -10.82
C ARG A 137 -5.64 27.86 -11.75
N ALA A 138 -6.19 26.63 -11.77
CA ALA A 138 -7.20 26.27 -12.76
C ALA A 138 -8.49 25.70 -12.20
N LEU A 139 -8.46 25.11 -11.02
CA LEU A 139 -9.61 24.37 -10.57
C LEU A 139 -10.30 25.11 -9.42
N PRO A 140 -11.60 24.92 -9.24
CA PRO A 140 -12.30 25.56 -8.13
C PRO A 140 -11.99 24.89 -6.78
N ASP A 141 -12.23 25.66 -5.73
CA ASP A 141 -12.00 25.26 -4.35
C ASP A 141 -13.14 24.36 -3.88
N PRO A 142 -12.87 23.22 -3.23
CA PRO A 142 -11.55 22.68 -2.87
C PRO A 142 -10.92 21.83 -3.98
N ILE A 143 -9.61 21.63 -3.93
CA ILE A 143 -8.89 20.84 -4.93
C ILE A 143 -8.64 19.45 -4.35
N LYS A 144 -9.07 18.41 -5.06
CA LYS A 144 -9.06 17.05 -4.56
C LYS A 144 -8.39 16.13 -5.58
N ILE A 145 -7.29 15.50 -5.18
CA ILE A 145 -6.51 14.65 -6.07
C ILE A 145 -6.07 13.38 -5.33
N PHE A 146 -5.69 12.37 -6.12
CA PHE A 146 -5.21 11.11 -5.55
C PHE A 146 -4.36 10.41 -6.60
N GLU A 147 -3.48 9.53 -6.11
CA GLU A 147 -2.58 8.75 -6.94
C GLU A 147 -2.43 7.37 -6.32
N ILE A 148 -2.31 6.37 -7.20
CA ILE A 148 -1.95 5.01 -6.83
C ILE A 148 -0.79 4.60 -7.72
N GLY A 149 0.27 4.07 -7.12
CA GLY A 149 1.35 3.53 -7.88
C GLY A 149 2.55 3.12 -7.05
N PRO A 150 3.59 2.64 -7.74
CA PRO A 150 4.74 2.03 -7.06
C PRO A 150 5.54 3.03 -6.23
N CYS A 151 6.06 2.57 -5.10
CA CYS A 151 7.01 3.31 -4.29
C CYS A 151 8.06 2.35 -3.77
N TYR A 152 9.27 2.87 -3.51
CA TYR A 152 10.44 2.04 -3.25
C TYR A 152 11.20 2.51 -2.01
N ARG A 153 11.42 1.60 -1.10
CA ARG A 153 12.22 1.87 0.08
C ARG A 153 13.06 0.67 0.47
N LYS A 154 14.34 0.86 0.73
CA LYS A 154 15.11 -0.23 1.31
C LYS A 154 14.67 -0.45 2.75
N GLU A 155 14.42 -1.72 3.07
CA GLU A 155 13.86 -2.14 4.35
C GLU A 155 14.60 -3.38 4.86
N SER A 156 14.60 -3.55 6.17
CA SER A 156 14.98 -4.82 6.78
C SER A 156 13.88 -5.85 6.54
N ASP A 157 14.26 -7.11 6.40
CA ASP A 157 13.24 -8.08 6.09
C ASP A 157 12.23 -8.03 7.16
N GLY A 158 10.98 -8.05 6.74
CA GLY A 158 9.90 -7.98 7.68
C GLY A 158 8.68 -8.60 7.13
N LYS A 159 7.78 -8.94 8.04
CA LYS A 159 6.49 -9.49 7.70
C LYS A 159 5.57 -8.41 7.12
N GLU A 160 5.85 -7.14 7.43
CA GLU A 160 5.02 -6.03 7.01
C GLU A 160 5.72 -5.10 6.03
N HIS A 161 6.93 -5.45 5.56
CA HIS A 161 7.63 -4.50 4.71
C HIS A 161 8.04 -5.15 3.40
N LEU A 162 7.86 -4.39 2.34
CA LEU A 162 8.37 -4.72 1.02
C LEU A 162 9.28 -3.59 0.57
N GLU A 163 10.22 -3.91 -0.30
CA GLU A 163 11.06 -2.86 -0.84
C GLU A 163 10.38 -2.17 -2.01
N GLU A 164 9.49 -2.89 -2.68
CA GLU A 164 8.71 -2.42 -3.79
C GLU A 164 7.25 -2.59 -3.39
N PHE A 165 6.54 -1.49 -3.14
CA PHE A 165 5.14 -1.59 -2.74
C PHE A 165 4.30 -0.59 -3.55
N THR A 166 3.01 -0.51 -3.22
CA THR A 166 2.07 0.33 -3.92
C THR A 166 1.39 1.23 -2.89
N MET A 167 1.42 2.52 -3.13
N MET A 167 1.43 2.53 -3.10
CA MET A 167 0.87 3.51 -2.23
CA MET A 167 0.86 3.47 -2.16
C MET A 167 -0.38 4.14 -2.85
C MET A 167 -0.31 4.20 -2.80
N LEU A 168 -1.40 4.35 -2.03
CA LEU A 168 -2.47 5.29 -2.34
C LEU A 168 -2.14 6.56 -1.57
N GLY A 169 -2.18 7.70 -2.25
CA GLY A 169 -2.09 8.99 -1.59
C GLY A 169 -3.19 9.90 -2.09
N PHE A 170 -3.86 10.58 -1.17
CA PHE A 170 -4.87 11.55 -1.58
C PHE A 170 -4.70 12.84 -0.81
N GLN A 171 -5.13 13.94 -1.41
CA GLN A 171 -4.98 15.23 -0.76
C GLN A 171 -6.09 16.16 -1.20
N GLN A 172 -6.67 16.87 -0.24
CA GLN A 172 -7.63 17.93 -0.50
C GLN A 172 -7.03 19.25 -0.01
N MET A 173 -7.15 20.29 -0.82
CA MET A 173 -6.60 21.61 -0.48
C MET A 173 -7.67 22.68 -0.57
N GLY A 174 -7.73 23.55 0.43
CA GLY A 174 -8.69 24.64 0.43
C GLY A 174 -9.76 24.58 1.51
N SER A 175 -11.02 24.73 1.12
CA SER A 175 -12.07 24.68 2.12
C SER A 175 -12.38 23.22 2.49
N GLY A 176 -13.00 23.03 3.66
CA GLY A 176 -13.35 21.71 4.13
C GLY A 176 -12.19 20.90 4.65
N CYS A 177 -11.02 21.50 4.86
CA CYS A 177 -9.83 20.75 5.28
C CYS A 177 -9.75 20.74 6.80
N THR A 178 -10.69 20.01 7.36
CA THR A 178 -10.74 19.81 8.80
C THR A 178 -10.36 18.37 9.13
N ARG A 179 -9.93 18.19 10.38
CA ARG A 179 -9.64 16.84 10.82
C ARG A 179 -10.91 15.97 10.82
N GLU A 180 -12.08 16.54 11.11
CA GLU A 180 -13.30 15.72 11.06
C GLU A 180 -13.53 15.18 9.67
N ASN A 181 -13.38 16.02 8.63
CA ASN A 181 -13.59 15.58 7.26
C ASN A 181 -12.57 14.53 6.87
N LEU A 182 -11.34 14.68 7.33
CA LEU A 182 -10.33 13.71 6.97
C LEU A 182 -10.65 12.35 7.58
N GLU A 183 -11.10 12.33 8.84
CA GLU A 183 -11.52 11.08 9.47
C GLU A 183 -12.72 10.46 8.75
N SER A 184 -13.62 11.30 8.26
CA SER A 184 -14.79 10.78 7.56
C SER A 184 -14.43 10.13 6.23
N ILE A 185 -13.42 10.66 5.52
CA ILE A 185 -12.94 10.01 4.29
C ILE A 185 -12.28 8.68 4.63
N ILE A 186 -11.42 8.68 5.65
CA ILE A 186 -10.74 7.46 6.00
C ILE A 186 -11.76 6.41 6.42
N THR A 187 -12.75 6.82 7.22
CA THR A 187 -13.71 5.88 7.77
C THR A 187 -14.58 5.28 6.67
N ASP A 188 -15.13 6.13 5.79
CA ASP A 188 -15.93 5.63 4.68
C ASP A 188 -15.12 4.73 3.77
N PHE A 189 -13.85 5.11 3.54
CA PHE A 189 -13.00 4.37 2.61
C PHE A 189 -12.75 2.96 3.11
N LEU A 190 -12.37 2.83 4.39
CA LEU A 190 -12.07 1.50 4.91
C LEU A 190 -13.33 0.68 5.19
N ASN A 191 -14.44 1.33 5.53
CA ASN A 191 -15.69 0.58 5.67
C ASN A 191 -16.15 0.05 4.33
N HIS A 192 -15.86 0.76 3.26
CA HIS A 192 -16.23 0.35 1.90
C HIS A 192 -15.41 -0.85 1.44
N LEU A 193 -14.13 -0.95 1.85
CA LEU A 193 -13.33 -2.10 1.47
C LEU A 193 -13.46 -3.26 2.45
N GLY A 194 -14.04 -3.04 3.63
CA GLY A 194 -14.21 -4.11 4.59
C GLY A 194 -12.95 -4.38 5.39
N ILE A 195 -12.25 -3.32 5.81
CA ILE A 195 -10.99 -3.46 6.52
C ILE A 195 -11.13 -2.80 7.88
N ASP A 196 -10.90 -3.58 8.93
CA ASP A 196 -11.08 -3.09 10.29
C ASP A 196 -9.91 -2.21 10.69
N PHE A 197 -10.19 -1.18 11.48
CA PHE A 197 -9.17 -0.18 11.78
C PHE A 197 -9.53 0.56 13.05
N LYS A 198 -8.54 1.28 13.59
CA LYS A 198 -8.80 2.35 14.54
C LYS A 198 -7.84 3.49 14.25
N ILE A 199 -8.34 4.70 14.48
CA ILE A 199 -7.61 5.94 14.23
C ILE A 199 -7.01 6.42 15.54
N VAL A 200 -5.70 6.61 15.58
CA VAL A 200 -5.06 7.12 16.79
C VAL A 200 -4.28 8.38 16.44
N GLY A 201 -4.42 9.38 17.31
CA GLY A 201 -3.68 10.62 17.17
C GLY A 201 -3.27 11.20 18.50
N ASP A 209 -1.41 18.69 12.79
CA ASP A 209 -2.12 17.52 13.30
C ASP A 209 -1.76 16.25 12.53
N THR A 210 -1.26 15.23 13.21
CA THR A 210 -0.93 13.99 12.52
C THR A 210 -1.66 12.82 13.16
N LEU A 211 -2.16 11.92 12.32
CA LEU A 211 -2.87 10.76 12.83
C LEU A 211 -2.48 9.51 12.07
N ASP A 212 -2.65 8.37 12.73
CA ASP A 212 -2.32 7.09 12.15
C ASP A 212 -3.56 6.20 12.17
N VAL A 213 -3.69 5.38 11.14
CA VAL A 213 -4.78 4.43 11.00
C VAL A 213 -4.17 3.06 11.18
N MET A 214 -4.56 2.39 12.24
CA MET A 214 -3.94 1.12 12.59
C MET A 214 -4.82 -0.10 12.65
N HIS A 215 -4.27 -1.21 12.18
CA HIS A 215 -4.94 -2.50 12.31
C HIS A 215 -4.10 -3.30 13.29
N GLY A 216 -4.58 -3.41 14.53
CA GLY A 216 -3.73 -3.92 15.58
C GLY A 216 -2.49 -3.07 15.66
N ASP A 217 -1.35 -3.72 15.57
CA ASP A 217 -0.07 -3.02 15.60
C ASP A 217 0.46 -2.69 14.20
N LEU A 218 -0.32 -3.01 13.18
CA LEU A 218 0.08 -2.75 11.81
C LEU A 218 -0.40 -1.36 11.39
N GLU A 219 0.50 -0.57 10.84
CA GLU A 219 0.12 0.76 10.36
C GLU A 219 -0.47 0.66 8.95
N LEU A 220 -1.75 1.00 8.81
CA LEU A 220 -2.35 1.05 7.47
C LEU A 220 -2.05 2.38 6.79
N SER A 221 -2.09 3.45 7.55
CA SER A 221 -1.90 4.74 6.96
C SER A 221 -1.42 5.78 7.93
N SER A 222 -0.82 6.82 7.37
CA SER A 222 -0.43 7.96 8.14
C SER A 222 -1.16 9.11 7.45
N ALA A 223 -1.87 9.89 8.21
CA ALA A 223 -2.62 11.02 7.66
C ALA A 223 -2.15 12.31 8.31
N GLY A 224 -2.49 13.43 7.68
CA GLY A 224 -2.06 14.73 8.16
C GLY A 224 -3.01 15.85 7.81
N VAL A 225 -2.95 16.91 8.63
CA VAL A 225 -3.72 18.13 8.47
C VAL A 225 -2.73 19.28 8.37
N GLY A 226 -2.84 20.07 7.29
CA GLY A 226 -2.04 21.26 7.14
C GLY A 226 -2.87 22.51 7.41
N PRO A 227 -2.26 23.70 7.36
CA PRO A 227 -0.88 24.05 6.95
C PRO A 227 0.20 23.56 7.88
N ILE A 228 1.35 23.24 7.31
CA ILE A 228 2.57 22.98 8.07
C ILE A 228 3.66 23.82 7.43
N PRO A 229 4.76 24.09 8.15
CA PRO A 229 5.78 24.98 7.58
C PRO A 229 6.43 24.43 6.31
N LEU A 230 6.50 23.11 6.12
CA LEU A 230 7.04 22.55 4.89
C LEU A 230 6.31 23.05 3.64
N ASP A 231 5.02 23.43 3.76
CA ASP A 231 4.23 23.83 2.60
C ASP A 231 4.87 24.96 1.79
N ARG A 232 5.57 25.85 2.47
CA ARG A 232 6.04 27.00 1.70
C ARG A 232 7.16 26.65 0.75
N GLU A 233 7.95 25.61 1.00
CA GLU A 233 8.97 25.18 0.05
C GLU A 233 8.36 24.71 -1.27
N TRP A 234 7.10 24.30 -1.25
CA TRP A 234 6.45 23.73 -2.41
C TRP A 234 5.46 24.68 -3.03
N GLY A 235 5.37 25.91 -2.50
CA GLY A 235 4.50 26.91 -3.07
C GLY A 235 3.06 26.73 -2.65
N ILE A 236 2.82 26.15 -1.48
CA ILE A 236 1.49 25.90 -0.95
C ILE A 236 1.26 26.85 0.23
N ASP A 237 0.16 27.61 0.18
CA ASP A 237 -0.21 28.41 1.37
C ASP A 237 -1.70 28.29 1.68
N LYS A 238 -2.26 27.09 1.59
CA LYS A 238 -3.65 26.85 1.92
C LYS A 238 -3.74 25.68 2.89
N PRO A 239 -4.82 25.60 3.65
CA PRO A 239 -5.05 24.38 4.45
C PRO A 239 -5.20 23.17 3.55
N TRP A 240 -4.91 21.99 4.11
CA TRP A 240 -5.07 20.75 3.37
C TRP A 240 -5.24 19.59 4.35
N ILE A 241 -5.73 18.48 3.83
CA ILE A 241 -5.80 17.21 4.55
C ILE A 241 -5.35 16.11 3.60
N GLY A 242 -4.79 15.04 4.13
CA GLY A 242 -4.39 13.94 3.26
C GLY A 242 -3.97 12.74 4.06
N ALA A 243 -3.67 11.67 3.33
CA ALA A 243 -3.30 10.38 3.93
C ALA A 243 -2.60 9.54 2.86
N GLY A 244 -1.76 8.62 3.32
CA GLY A 244 -1.18 7.62 2.47
C GLY A 244 -1.47 6.21 2.99
N PHE A 245 -1.87 5.28 2.12
CA PHE A 245 -2.15 3.90 2.48
C PHE A 245 -1.29 2.98 1.60
N GLY A 246 -0.72 1.93 2.18
CA GLY A 246 -0.09 0.88 1.37
C GLY A 246 -1.10 -0.17 0.95
N LEU A 247 -1.19 -0.41 -0.37
CA LEU A 247 -2.19 -1.34 -0.88
C LEU A 247 -1.90 -2.78 -0.44
N GLU A 248 -0.61 -3.18 -0.38
CA GLU A 248 -0.30 -4.54 0.05
C GLU A 248 -0.63 -4.78 1.53
N ARG A 249 -0.46 -3.77 2.39
CA ARG A 249 -0.93 -3.93 3.77
C ARG A 249 -2.43 -4.16 3.83
N LEU A 250 -3.20 -3.51 2.95
CA LEU A 250 -4.64 -3.73 2.94
C LEU A 250 -4.99 -5.14 2.48
N LEU A 251 -4.35 -5.62 1.40
CA LEU A 251 -4.58 -7.00 0.97
C LEU A 251 -4.16 -7.99 2.04
N LYS A 252 -3.03 -7.73 2.70
CA LYS A 252 -2.58 -8.56 3.80
C LYS A 252 -3.66 -8.73 4.86
N VAL A 253 -4.28 -7.61 5.27
CA VAL A 253 -5.34 -7.68 6.27
C VAL A 253 -6.59 -8.35 5.71
N LYS A 254 -7.05 -7.91 4.54
CA LYS A 254 -8.31 -8.50 4.10
C LYS A 254 -8.16 -9.98 3.79
N HIS A 255 -7.01 -10.46 3.35
CA HIS A 255 -6.88 -11.88 3.05
C HIS A 255 -6.24 -12.66 4.18
N ASP A 256 -5.96 -12.00 5.30
CA ASP A 256 -5.32 -12.61 6.45
C ASP A 256 -4.03 -13.35 6.09
N PHE A 257 -3.26 -12.80 5.14
CA PHE A 257 -1.93 -13.32 4.87
C PHE A 257 -1.04 -13.14 6.09
N LYS A 258 -0.12 -14.07 6.30
CA LYS A 258 0.80 -13.97 7.43
C LYS A 258 2.02 -13.11 7.11
N ASN A 259 2.41 -13.10 5.85
CA ASN A 259 3.56 -12.33 5.39
C ASN A 259 3.13 -11.53 4.17
N ILE A 260 3.46 -10.23 4.19
CA ILE A 260 3.06 -9.31 3.12
C ILE A 260 3.60 -9.72 1.74
N LYS A 261 4.62 -10.56 1.66
CA LYS A 261 5.09 -10.93 0.33
C LYS A 261 4.08 -11.75 -0.47
N ARG A 262 3.00 -12.27 0.14
CA ARG A 262 1.92 -12.88 -0.64
C ARG A 262 1.04 -11.87 -1.34
N ALA A 263 1.15 -10.60 -1.00
CA ALA A 263 0.33 -9.58 -1.63
C ALA A 263 1.11 -8.75 -2.64
N ALA A 264 2.43 -8.94 -2.67
CA ALA A 264 3.33 -8.16 -3.51
C ALA A 264 3.37 -8.47 -4.99
N ARG A 265 3.90 -7.55 -5.78
CA ARG A 265 4.10 -7.81 -7.19
C ARG A 265 5.19 -8.85 -7.08
N SER A 266 4.95 -10.03 -7.61
CA SER A 266 5.94 -11.08 -7.48
C SER A 266 5.84 -12.21 -8.46
N GLU A 267 6.94 -12.92 -8.61
CA GLU A 267 6.92 -14.16 -9.37
C GLU A 267 6.63 -15.38 -8.49
N SER A 268 6.62 -15.25 -7.17
CA SER A 268 6.41 -16.38 -6.27
C SER A 268 4.96 -16.60 -5.88
N TYR A 269 4.10 -15.60 -6.04
CA TYR A 269 2.71 -15.71 -5.59
C TYR A 269 1.80 -15.04 -6.60
N TYR A 270 0.69 -15.72 -6.89
CA TYR A 270 -0.41 -15.13 -7.65
C TYR A 270 -1.62 -15.12 -6.75
N ASN A 271 -2.15 -13.93 -6.49
CA ASN A 271 -3.29 -13.72 -5.58
C ASN A 271 -3.08 -14.48 -4.28
N GLY A 272 -1.86 -14.44 -3.77
CA GLY A 272 -1.54 -15.15 -2.54
C GLY A 272 -1.40 -16.65 -2.66
N ILE A 273 -1.49 -17.23 -3.87
CA ILE A 273 -1.28 -18.65 -4.08
C ILE A 273 0.13 -18.85 -4.60
N SER A 274 0.84 -19.83 -4.06
CA SER A 274 2.22 -20.00 -4.47
C SER A 274 2.27 -20.46 -5.91
N THR A 275 3.27 -19.97 -6.65
CA THR A 275 3.45 -20.35 -8.04
C THR A 275 4.55 -21.39 -8.20
N ASN A 276 5.03 -21.97 -7.11
CA ASN A 276 6.07 -23.00 -7.17
C ASN A 276 5.40 -24.32 -6.75
N LEU A 277 4.72 -24.90 -7.73
CA LEU A 277 3.93 -26.10 -7.58
C LEU A 277 4.66 -27.31 -8.19
#